data_7ZGI
#
_entry.id   7ZGI
#
_cell.length_a   175.291
_cell.length_b   69.879
_cell.length_c   106.043
_cell.angle_alpha   90.000
_cell.angle_beta   110.990
_cell.angle_gamma   90.000
#
_symmetry.space_group_name_H-M   'C 1 2 1'
#
loop_
_entity.id
_entity.type
_entity.pdbx_description
1 polymer 'Peptidylprolyl isomerase'
2 non-polymer 'SULFATE ION'
3 non-polymer DI(HYDROXYETHYL)ETHER
4 water water
#
_entity_poly.entity_id   1
_entity_poly.type   'polypeptide(L)'
_entity_poly.pdbx_seq_one_letter_code
;AAAGKEKDVKVEVSVAVEELGTCSRSAIITVPASTVKDIFKRGVKRIERDVVGQLKGWQAGKPLPLS(MSE)VIQQVGGQ
NKFKTFCLEELLLEALPKGIESARNGRAVDPASVTVPPEDFPS(MSE)LERYDPAKEFFFRA(MSE)FDVAPPVVWRTPL
EELEVTIRDTGDFSTDAAAADDLIRQYRKQHGFSRVVAGRGLQLGDTLVIDLEITSKATGQALPGLTHKRFSFDTEADVL
GITSG(MSE)LG(MSE)KAGESRTFN(MSE)S(MSE)PEDYDVEFWQS(MSE)PVKVAAKVHEIFEWTLPEFNDEYVAKQ
HEGKWGSAKE(MSE)REALIASTA(MSE)QRVTELDKALEDAVVKAVADALD(MSE)PEVPPR(MSE)VEQLGERQFQAQ
LLQ(MSE)IEDRIGSREDVEKLATEE(MSE)AAEFIRERKKDLEDQVKFNLAVDDIWVRKGLVLEDEAVEAEFSLRARQ
(MSE)EAVGQPFDRED(MSE)LDDVRETVKSVTVIEWLKDNVKRHVLPYTAADDKAAKAKGEPVAV
;
_entity_poly.pdbx_strand_id   A,B
#
# COMPACT_ATOMS: atom_id res chain seq x y z
N PRO A 140 -8.47 -10.73 -8.76
CA PRO A 140 -7.33 -11.32 -9.44
C PRO A 140 -7.51 -11.64 -10.93
N PRO A 141 -8.74 -12.00 -11.42
CA PRO A 141 -8.93 -12.17 -12.86
C PRO A 141 -9.13 -10.83 -13.59
N VAL A 142 -8.43 -10.65 -14.72
CA VAL A 142 -8.38 -9.37 -15.50
C VAL A 142 -9.41 -9.44 -16.64
N VAL A 143 -10.17 -8.37 -16.85
CA VAL A 143 -11.23 -8.32 -17.87
C VAL A 143 -10.78 -7.52 -19.09
N TRP A 144 -10.40 -8.24 -20.12
CA TRP A 144 -9.97 -7.63 -21.41
C TRP A 144 -11.19 -7.11 -22.15
N ARG A 145 -11.56 -5.85 -21.94
CA ARG A 145 -12.72 -5.27 -22.67
C ARG A 145 -12.45 -5.41 -24.17
N THR A 146 -11.32 -4.88 -24.63
CA THR A 146 -10.91 -5.00 -26.05
C THR A 146 -9.89 -6.14 -26.12
N PRO A 147 -10.06 -7.18 -26.93
CA PRO A 147 -9.09 -8.29 -26.96
C PRO A 147 -7.64 -7.92 -27.27
N LEU A 148 -6.69 -8.70 -26.82
CA LEU A 148 -5.24 -8.48 -26.98
C LEU A 148 -4.87 -8.75 -28.44
N GLU A 149 -5.71 -9.52 -29.14
CA GLU A 149 -5.45 -9.92 -30.54
C GLU A 149 -5.76 -8.75 -31.46
N GLU A 150 -6.80 -7.95 -31.15
CA GLU A 150 -7.25 -6.81 -31.99
C GLU A 150 -6.75 -5.50 -31.35
N LEU A 151 -5.47 -5.47 -30.97
CA LEU A 151 -4.83 -4.37 -30.20
C LEU A 151 -3.88 -3.59 -31.12
N GLU A 152 -3.98 -2.26 -31.13
CA GLU A 152 -3.14 -1.42 -32.00
C GLU A 152 -2.67 -0.17 -31.24
N VAL A 153 -1.45 0.26 -31.56
CA VAL A 153 -0.81 1.53 -31.13
C VAL A 153 -0.70 2.43 -32.36
N THR A 154 -0.73 3.74 -32.17
CA THR A 154 -0.42 4.72 -33.24
C THR A 154 0.49 5.82 -32.65
N ILE A 155 1.56 6.16 -33.37
CA ILE A 155 2.61 7.13 -32.93
C ILE A 155 2.85 8.11 -34.07
N ARG A 156 3.21 9.36 -33.78
CA ARG A 156 3.63 10.34 -34.82
C ARG A 156 5.16 10.33 -34.94
N ASP A 157 5.69 10.25 -36.18
CA ASP A 157 7.07 10.68 -36.48
C ASP A 157 7.19 12.11 -35.92
N THR A 158 8.33 12.47 -35.36
CA THR A 158 8.46 13.72 -34.57
C THR A 158 9.31 14.75 -35.33
N GLY A 159 9.63 14.46 -36.58
CA GLY A 159 10.30 15.41 -37.50
C GLY A 159 10.47 14.81 -38.88
N ASP A 160 11.15 15.56 -39.75
CA ASP A 160 11.48 15.15 -41.14
C ASP A 160 12.86 15.72 -41.46
N PHE A 161 13.29 15.64 -42.71
CA PHE A 161 14.61 16.19 -43.13
C PHE A 161 14.75 17.66 -42.71
N SER A 162 13.78 18.52 -43.04
CA SER A 162 13.93 19.99 -42.88
C SER A 162 13.96 20.37 -41.39
N THR A 163 13.50 19.49 -40.52
CA THR A 163 13.54 19.65 -39.04
C THR A 163 14.94 19.28 -38.53
N ASP A 164 15.53 18.19 -39.03
CA ASP A 164 16.89 17.73 -38.70
C ASP A 164 17.93 18.75 -39.18
N ALA A 165 17.83 19.19 -40.43
CA ALA A 165 18.73 20.21 -41.04
C ALA A 165 18.72 21.50 -40.22
N ALA A 166 17.54 21.96 -39.82
CA ALA A 166 17.37 23.14 -38.96
C ALA A 166 18.17 22.90 -37.68
N ALA A 167 18.00 21.72 -37.08
CA ALA A 167 18.57 21.36 -35.77
C ALA A 167 20.08 21.23 -35.89
N ALA A 168 20.56 20.75 -37.03
CA ALA A 168 22.00 20.62 -37.31
C ALA A 168 22.58 22.02 -37.45
N ASP A 169 21.87 22.90 -38.15
CA ASP A 169 22.24 24.33 -38.34
C ASP A 169 22.39 24.98 -36.95
N ASP A 170 21.51 24.66 -36.02
CA ASP A 170 21.59 25.20 -34.64
C ASP A 170 22.78 24.60 -33.89
N LEU A 171 23.09 23.32 -34.08
CA LEU A 171 24.32 22.73 -33.48
C LEU A 171 25.57 23.39 -34.07
N ILE A 172 25.58 23.66 -35.37
CA ILE A 172 26.74 24.30 -36.05
C ILE A 172 26.94 25.69 -35.44
N ARG A 173 25.85 26.36 -35.12
CA ARG A 173 25.88 27.74 -34.57
C ARG A 173 26.52 27.68 -33.18
N GLN A 174 26.23 26.64 -32.43
CA GLN A 174 26.73 26.45 -31.05
C GLN A 174 28.21 26.08 -31.11
N TYR A 175 28.64 25.33 -32.10
CA TYR A 175 30.08 24.99 -32.26
C TYR A 175 30.82 26.28 -32.58
N ARG A 176 30.31 27.07 -33.52
CA ARG A 176 30.96 28.36 -33.91
C ARG A 176 31.01 29.28 -32.68
N LYS A 177 29.98 29.31 -31.85
CA LYS A 177 29.91 30.28 -30.71
C LYS A 177 30.99 29.94 -29.67
N GLN A 178 31.52 28.72 -29.67
CA GLN A 178 32.72 28.38 -28.85
C GLN A 178 33.95 29.12 -29.40
N HIS A 179 33.91 29.57 -30.64
CA HIS A 179 34.99 30.33 -31.31
C HIS A 179 34.49 31.73 -31.67
N GLY A 180 33.46 32.23 -30.98
CA GLY A 180 32.84 33.52 -31.28
C GLY A 180 33.56 34.70 -30.62
N PHE A 181 33.23 35.90 -31.07
CA PHE A 181 33.72 37.17 -30.51
C PHE A 181 32.63 37.76 -29.62
N SER A 182 32.97 38.18 -28.41
CA SER A 182 32.03 38.59 -27.36
C SER A 182 32.21 40.09 -27.05
N ARG A 183 31.14 40.76 -26.59
CA ARG A 183 31.17 42.16 -26.09
C ARG A 183 30.07 42.33 -25.04
N VAL A 184 30.35 43.07 -23.99
CA VAL A 184 29.34 43.42 -22.94
C VAL A 184 28.19 44.15 -23.64
N VAL A 185 26.92 43.80 -23.35
CA VAL A 185 25.77 44.55 -23.98
C VAL A 185 25.45 45.79 -23.12
N ALA A 186 25.10 46.87 -23.84
CA ALA A 186 24.77 48.20 -23.28
C ALA A 186 23.60 48.83 -24.04
N GLY A 187 22.76 49.57 -23.29
CA GLY A 187 21.57 50.28 -23.82
C GLY A 187 20.58 49.33 -24.47
N ARG A 188 20.35 48.18 -23.84
CA ARG A 188 19.51 47.07 -24.34
C ARG A 188 19.37 46.02 -23.24
N GLY A 189 18.28 45.28 -23.26
CA GLY A 189 18.05 44.17 -22.33
C GLY A 189 18.30 42.83 -22.99
N LEU A 190 18.29 41.76 -22.20
CA LEU A 190 18.59 40.38 -22.65
C LEU A 190 17.72 40.04 -23.86
N GLN A 191 18.29 39.49 -24.94
CA GLN A 191 17.59 38.91 -26.11
C GLN A 191 18.13 37.49 -26.42
N LEU A 192 17.36 36.69 -27.16
CA LEU A 192 17.81 35.37 -27.68
C LEU A 192 19.12 35.57 -28.44
N GLY A 193 20.14 34.77 -28.19
CA GLY A 193 21.51 34.98 -28.74
C GLY A 193 22.53 35.38 -27.68
N ASP A 194 22.09 36.07 -26.65
CA ASP A 194 23.00 36.54 -25.58
C ASP A 194 23.43 35.37 -24.69
N THR A 195 24.51 35.58 -23.96
CA THR A 195 24.98 34.71 -22.87
C THR A 195 25.02 35.64 -21.68
N LEU A 196 25.12 35.12 -20.49
CA LEU A 196 25.10 35.96 -19.30
C LEU A 196 25.60 35.19 -18.08
N VAL A 197 25.84 35.95 -17.02
CA VAL A 197 26.22 35.46 -15.68
C VAL A 197 25.10 35.95 -14.79
N ILE A 198 24.54 35.07 -13.96
CA ILE A 198 23.34 35.34 -13.12
C ILE A 198 23.53 34.66 -11.76
N ASP A 199 22.91 35.19 -10.70
CA ASP A 199 22.47 34.41 -9.51
C ASP A 199 21.19 33.68 -9.92
N LEU A 200 21.15 32.37 -9.75
CA LEU A 200 19.94 31.57 -9.99
C LEU A 200 19.51 30.89 -8.68
N GLU A 201 18.22 30.88 -8.39
CA GLU A 201 17.61 30.09 -7.29
C GLU A 201 16.28 29.57 -7.81
N ILE A 202 16.15 28.24 -7.88
CA ILE A 202 14.94 27.55 -8.39
C ILE A 202 14.39 26.68 -7.26
N THR A 203 13.14 26.92 -6.89
CA THR A 203 12.44 26.29 -5.73
C THR A 203 11.12 25.68 -6.24
N SER A 204 10.71 24.57 -5.66
CA SER A 204 9.33 24.02 -5.73
C SER A 204 8.29 25.10 -5.39
N LYS A 205 7.25 25.26 -6.21
CA LYS A 205 6.05 26.06 -5.86
C LYS A 205 5.33 25.44 -4.64
N ALA A 206 5.07 24.14 -4.64
CA ALA A 206 4.26 23.43 -3.62
C ALA A 206 4.91 23.50 -2.24
N THR A 207 6.24 23.31 -2.14
CA THR A 207 6.96 23.06 -0.86
C THR A 207 8.00 24.14 -0.54
N GLY A 208 8.29 25.07 -1.46
CA GLY A 208 9.38 26.07 -1.31
C GLY A 208 10.76 25.46 -1.18
N GLN A 209 10.93 24.15 -1.46
CA GLN A 209 12.23 23.44 -1.36
C GLN A 209 13.09 23.83 -2.58
N ALA A 210 14.37 24.14 -2.33
CA ALA A 210 15.38 24.44 -3.38
C ALA A 210 15.73 23.15 -4.15
N LEU A 211 15.64 23.18 -5.48
CA LEU A 211 16.08 22.05 -6.34
C LEU A 211 17.61 22.02 -6.33
N PRO A 212 18.26 20.96 -5.80
CA PRO A 212 19.72 20.89 -5.83
C PRO A 212 20.28 20.79 -7.25
N GLY A 213 21.44 21.44 -7.45
CA GLY A 213 22.09 21.66 -8.77
C GLY A 213 21.81 23.06 -9.29
N LEU A 214 20.73 23.69 -8.82
CA LEU A 214 20.09 24.87 -9.47
C LEU A 214 20.04 26.07 -8.51
N THR A 215 20.97 26.15 -7.57
CA THR A 215 21.27 27.37 -6.78
C THR A 215 22.76 27.66 -7.00
N HIS A 216 23.09 28.87 -7.46
CA HIS A 216 24.43 29.26 -7.98
C HIS A 216 24.55 30.78 -7.94
N LYS A 217 25.73 31.31 -7.62
CA LYS A 217 25.96 32.76 -7.42
C LYS A 217 26.46 33.35 -8.74
N ARG A 218 27.17 32.58 -9.54
CA ARG A 218 27.89 33.13 -10.72
C ARG A 218 27.74 32.18 -11.90
N PHE A 219 26.57 31.54 -11.99
CA PHE A 219 26.14 30.63 -13.08
C PHE A 219 26.34 31.31 -14.46
N SER A 220 27.22 30.76 -15.29
CA SER A 220 27.36 31.11 -16.72
C SER A 220 26.30 30.38 -17.55
N PHE A 221 25.76 31.02 -18.57
CA PHE A 221 24.51 30.51 -19.19
C PHE A 221 24.34 31.14 -20.57
N ASP A 222 24.10 30.28 -21.55
CA ASP A 222 23.82 30.64 -22.96
C ASP A 222 22.30 30.55 -23.17
N THR A 223 21.61 31.64 -23.51
CA THR A 223 20.19 31.64 -23.93
C THR A 223 19.91 30.60 -25.02
N GLU A 224 20.90 30.20 -25.82
CA GLU A 224 20.73 29.38 -27.04
C GLU A 224 21.08 27.90 -26.81
N ALA A 225 21.50 27.55 -25.59
CA ALA A 225 21.66 26.17 -25.06
C ALA A 225 20.98 26.09 -23.68
N ASP A 226 19.66 26.25 -23.64
CA ASP A 226 18.97 26.52 -22.36
C ASP A 226 18.18 25.26 -21.96
N VAL A 227 18.84 24.37 -21.21
CA VAL A 227 18.21 23.11 -20.72
C VAL A 227 16.98 23.48 -19.86
N LEU A 228 17.00 24.60 -19.15
CA LEU A 228 16.00 24.95 -18.10
C LEU A 228 14.70 25.51 -18.70
N GLY A 229 14.74 26.34 -19.74
CA GLY A 229 13.57 27.12 -20.21
C GLY A 229 13.46 28.47 -19.49
N ILE A 230 14.50 28.97 -18.83
CA ILE A 230 14.42 30.21 -18.02
C ILE A 230 14.55 31.43 -18.92
N THR A 231 14.79 31.26 -20.22
CA THR A 231 15.06 32.38 -21.15
C THR A 231 13.80 33.25 -21.28
N SER A 232 12.68 32.70 -21.75
CA SER A 232 11.40 33.45 -21.98
C SER A 232 11.13 34.50 -20.89
N GLY A 233 11.24 34.07 -19.64
CA GLY A 233 10.94 34.86 -18.43
C GLY A 233 12.01 35.87 -18.06
N LEU A 235 13.92 37.74 -20.72
CA LEU A 235 14.06 38.71 -21.83
C LEU A 235 13.78 40.11 -21.28
N GLY A 236 14.65 41.07 -21.63
CA GLY A 236 14.53 42.49 -21.30
C GLY A 236 15.31 42.87 -20.07
N LYS A 238 18.50 43.53 -17.54
CA LYS A 238 19.74 44.30 -17.74
C LYS A 238 20.64 44.04 -16.55
N ALA A 239 21.93 44.30 -16.67
CA ALA A 239 22.83 44.07 -15.52
C ALA A 239 22.20 44.75 -14.30
N GLY A 240 22.20 44.10 -13.14
CA GLY A 240 21.70 44.69 -11.89
C GLY A 240 20.26 44.33 -11.57
N GLU A 241 19.41 44.07 -12.56
CA GLU A 241 17.95 43.79 -12.33
C GLU A 241 17.72 42.39 -11.74
N SER A 242 16.65 42.23 -10.96
CA SER A 242 16.24 40.92 -10.36
C SER A 242 14.85 40.55 -10.88
N ARG A 243 14.44 39.30 -10.72
CA ARG A 243 13.11 38.83 -11.19
C ARG A 243 12.76 37.52 -10.50
N THR A 244 11.56 37.39 -9.96
CA THR A 244 10.98 36.10 -9.54
C THR A 244 9.82 35.82 -10.48
N PHE A 245 9.65 34.60 -10.97
CA PHE A 245 8.61 34.27 -11.97
C PHE A 245 8.36 32.78 -11.95
N ASN A 246 7.17 32.38 -12.34
CA ASN A 246 6.70 30.99 -12.21
C ASN A 246 7.00 30.25 -13.50
N SER A 248 6.93 25.93 -15.29
CA SER A 248 7.06 24.45 -15.27
C SER A 248 8.47 24.09 -15.72
N PRO A 250 11.06 21.65 -17.53
CA PRO A 250 10.76 20.94 -18.78
C PRO A 250 10.38 19.46 -18.60
N GLU A 251 9.50 18.96 -19.47
CA GLU A 251 8.98 17.56 -19.43
C GLU A 251 10.06 16.52 -19.73
N ASP A 252 11.20 16.94 -20.29
CA ASP A 252 12.27 16.03 -20.78
C ASP A 252 13.52 16.24 -19.92
N TYR A 253 13.42 17.03 -18.86
CA TYR A 253 14.61 17.32 -18.01
C TYR A 253 15.34 15.99 -17.71
N ASP A 254 16.66 16.01 -17.74
CA ASP A 254 17.50 14.82 -17.46
C ASP A 254 17.12 14.26 -16.07
N VAL A 255 17.11 15.09 -15.05
CA VAL A 255 16.77 14.64 -13.67
C VAL A 255 15.26 14.37 -13.65
N GLU A 256 14.86 13.10 -13.71
CA GLU A 256 13.46 12.63 -13.91
C GLU A 256 12.55 13.19 -12.80
N PHE A 257 13.10 13.37 -11.60
CA PHE A 257 12.38 13.78 -10.37
C PHE A 257 11.55 15.05 -10.64
N TRP A 258 12.12 15.94 -11.45
CA TRP A 258 11.73 17.37 -11.60
C TRP A 258 10.95 17.62 -12.88
N GLN A 259 10.68 16.60 -13.67
CA GLN A 259 9.96 16.77 -14.95
C GLN A 259 8.60 17.38 -14.65
N SER A 260 8.23 18.40 -15.42
CA SER A 260 6.91 19.11 -15.41
C SER A 260 6.56 19.79 -14.07
N PRO A 262 5.95 22.47 -11.17
CA PRO A 262 5.79 23.92 -11.11
C PRO A 262 6.80 24.51 -10.12
N VAL A 263 7.47 25.55 -10.56
CA VAL A 263 8.71 25.97 -9.89
C VAL A 263 8.70 27.50 -9.88
N LYS A 264 9.33 28.11 -8.88
CA LYS A 264 9.56 29.57 -8.88
C LYS A 264 11.04 29.82 -9.16
N VAL A 265 11.37 30.67 -10.14
CA VAL A 265 12.77 31.02 -10.40
C VAL A 265 13.02 32.47 -9.98
N ALA A 266 13.97 32.66 -9.09
CA ALA A 266 14.62 33.92 -8.71
C ALA A 266 15.98 34.00 -9.40
N ALA A 267 16.23 35.08 -10.15
CA ALA A 267 17.39 35.32 -11.01
C ALA A 267 17.82 36.77 -10.82
N LYS A 268 19.10 37.01 -10.53
CA LYS A 268 19.73 38.36 -10.60
C LYS A 268 20.81 38.30 -11.68
N VAL A 269 20.77 39.17 -12.70
CA VAL A 269 21.74 39.26 -13.83
C VAL A 269 22.93 40.13 -13.45
N HIS A 270 24.12 39.55 -13.27
CA HIS A 270 25.41 40.28 -13.04
C HIS A 270 25.96 40.87 -14.32
N GLU A 271 25.80 40.22 -15.47
CA GLU A 271 26.36 40.73 -16.75
C GLU A 271 25.82 39.94 -17.95
N ILE A 272 25.78 40.59 -19.11
CA ILE A 272 25.16 40.12 -20.39
C ILE A 272 26.17 40.33 -21.50
N PHE A 273 26.22 39.40 -22.45
CA PHE A 273 27.25 39.34 -23.51
C PHE A 273 26.55 38.98 -24.80
N GLU A 274 26.96 39.64 -25.88
CA GLU A 274 26.56 39.33 -27.27
C GLU A 274 27.79 39.00 -28.10
N TRP A 275 27.54 38.43 -29.27
CA TRP A 275 28.46 37.56 -30.02
C TRP A 275 28.33 37.80 -31.52
N THR A 276 29.43 37.77 -32.23
CA THR A 276 29.44 37.60 -33.71
C THR A 276 30.24 36.31 -33.96
N LEU A 277 29.74 35.49 -34.89
CA LEU A 277 30.26 34.13 -35.14
C LEU A 277 31.17 34.20 -36.36
N PRO A 278 32.27 33.43 -36.42
CA PRO A 278 32.98 33.23 -37.68
C PRO A 278 32.05 32.60 -38.73
N GLU A 279 32.25 32.91 -40.02
CA GLU A 279 31.45 32.34 -41.15
C GLU A 279 31.69 30.84 -41.21
N PHE A 280 30.66 30.09 -41.62
CA PHE A 280 30.71 28.62 -41.72
C PHE A 280 31.01 28.19 -43.16
N ASN A 281 32.26 27.79 -43.38
CA ASN A 281 32.81 27.31 -44.67
C ASN A 281 33.96 26.34 -44.39
N ASP A 282 34.53 25.74 -45.44
CA ASP A 282 35.56 24.68 -45.33
C ASP A 282 36.76 25.15 -44.52
N GLU A 283 37.10 26.45 -44.62
CA GLU A 283 38.32 26.99 -43.97
C GLU A 283 38.09 26.91 -42.46
N TYR A 284 36.93 27.37 -42.02
CA TYR A 284 36.55 27.31 -40.59
C TYR A 284 36.62 25.84 -40.12
N VAL A 285 36.04 24.91 -40.88
CA VAL A 285 36.00 23.47 -40.48
C VAL A 285 37.42 22.94 -40.33
N ALA A 286 38.31 23.25 -41.28
CA ALA A 286 39.71 22.76 -41.32
C ALA A 286 40.52 23.38 -40.17
N LYS A 287 40.35 24.66 -39.90
CA LYS A 287 41.05 25.35 -38.79
C LYS A 287 40.58 24.85 -37.41
N GLN A 288 39.26 24.61 -37.23
CA GLN A 288 38.63 24.60 -35.86
C GLN A 288 38.17 23.21 -35.42
N HIS A 289 37.82 22.31 -36.34
CA HIS A 289 37.36 20.93 -36.00
C HIS A 289 38.14 19.91 -36.86
N GLU A 290 39.39 20.19 -37.20
CA GLU A 290 40.21 19.31 -38.09
C GLU A 290 40.28 17.90 -37.49
N GLY A 291 40.35 16.90 -38.37
CA GLY A 291 40.48 15.47 -38.00
C GLY A 291 39.13 14.82 -37.76
N LYS A 292 38.09 15.62 -37.50
CA LYS A 292 36.70 15.13 -37.29
C LYS A 292 35.97 15.13 -38.63
N TRP A 293 36.01 16.24 -39.37
CA TRP A 293 35.29 16.44 -40.66
C TRP A 293 36.24 17.10 -41.66
N GLY A 294 36.10 16.76 -42.94
CA GLY A 294 36.98 17.27 -44.00
C GLY A 294 36.33 18.38 -44.81
N SER A 295 35.19 18.92 -44.35
CA SER A 295 34.37 19.88 -45.14
C SER A 295 33.18 20.39 -44.30
N ALA A 296 32.71 21.59 -44.62
CA ALA A 296 31.45 22.15 -44.09
C ALA A 296 30.35 21.14 -44.34
N LYS A 297 30.25 20.65 -45.58
CA LYS A 297 29.22 19.68 -46.02
C LYS A 297 29.27 18.43 -45.14
N GLU A 298 30.47 17.89 -44.87
CA GLU A 298 30.67 16.66 -44.07
C GLU A 298 30.08 16.88 -42.67
N ARG A 300 27.79 19.19 -41.48
CA ARG A 300 26.33 19.29 -41.58
C ARG A 300 25.70 17.89 -41.74
N GLU A 301 26.19 17.08 -42.67
CA GLU A 301 25.66 15.71 -42.89
C GLU A 301 25.79 14.88 -41.61
N ALA A 302 26.96 14.93 -40.96
CA ALA A 302 27.25 14.22 -39.68
C ALA A 302 26.21 14.62 -38.62
N LEU A 303 25.94 15.92 -38.50
CA LEU A 303 25.06 16.44 -37.43
C LEU A 303 23.60 16.13 -37.79
N ILE A 304 23.24 16.15 -39.06
CA ILE A 304 21.86 15.75 -39.52
C ILE A 304 21.66 14.26 -39.20
N ALA A 305 22.61 13.41 -39.55
CA ALA A 305 22.50 11.96 -39.28
C ALA A 305 22.26 11.74 -37.77
N SER A 306 23.09 12.36 -36.93
CA SER A 306 23.04 12.24 -35.46
C SER A 306 21.69 12.72 -34.91
N THR A 307 21.12 13.77 -35.48
CA THR A 307 19.81 14.27 -35.02
C THR A 307 18.72 13.29 -35.42
N ALA A 308 18.84 12.71 -36.61
CA ALA A 308 17.86 11.75 -37.14
C ALA A 308 17.98 10.42 -36.40
N GLN A 310 18.70 10.19 -33.28
CA GLN A 310 18.09 10.52 -31.98
C GLN A 310 16.57 10.45 -32.11
N ARG A 311 15.97 11.00 -33.17
CA ARG A 311 14.50 10.79 -33.39
C ARG A 311 14.18 9.27 -33.39
N VAL A 312 15.04 8.42 -33.97
CA VAL A 312 14.73 6.96 -34.10
C VAL A 312 14.58 6.35 -32.70
N THR A 313 15.48 6.68 -31.76
CA THR A 313 15.52 6.04 -30.42
C THR A 313 14.46 6.71 -29.53
N GLU A 314 14.16 8.00 -29.73
CA GLU A 314 13.03 8.68 -29.06
C GLU A 314 11.72 7.99 -29.46
N LEU A 315 11.63 7.53 -30.71
CA LEU A 315 10.39 6.96 -31.32
C LEU A 315 10.17 5.55 -30.78
N ASP A 316 11.25 4.77 -30.72
CA ASP A 316 11.27 3.47 -30.02
C ASP A 316 10.72 3.64 -28.59
N LYS A 317 11.06 4.73 -27.90
CA LYS A 317 10.60 4.95 -26.50
C LYS A 317 9.09 5.25 -26.52
N ALA A 318 8.60 6.08 -27.45
CA ALA A 318 7.17 6.45 -27.60
C ALA A 318 6.33 5.22 -27.94
N LEU A 319 6.95 4.23 -28.58
CA LEU A 319 6.30 2.94 -28.90
C LEU A 319 6.05 2.17 -27.60
N GLU A 320 7.10 1.98 -26.78
CA GLU A 320 6.99 1.40 -25.41
C GLU A 320 5.86 2.08 -24.64
N ASP A 321 5.75 3.41 -24.73
CA ASP A 321 4.79 4.21 -23.92
C ASP A 321 3.38 4.00 -24.48
N ALA A 322 3.24 4.05 -25.81
CA ALA A 322 1.96 3.82 -26.54
C ALA A 322 1.46 2.38 -26.32
N VAL A 323 2.34 1.39 -26.42
CA VAL A 323 2.00 -0.03 -26.19
C VAL A 323 1.53 -0.22 -24.73
N VAL A 324 2.15 0.49 -23.80
CA VAL A 324 1.76 0.45 -22.36
C VAL A 324 0.42 1.16 -22.21
N LYS A 325 0.22 2.33 -22.81
CA LYS A 325 -1.09 3.04 -22.73
C LYS A 325 -2.17 2.25 -23.49
N ALA A 326 -1.81 1.43 -24.48
CA ALA A 326 -2.78 0.62 -25.26
C ALA A 326 -3.42 -0.40 -24.31
N VAL A 327 -2.61 -1.27 -23.71
CA VAL A 327 -3.05 -2.33 -22.75
C VAL A 327 -3.85 -1.67 -21.61
N ALA A 328 -3.34 -0.63 -20.98
CA ALA A 328 -4.04 0.11 -19.89
C ALA A 328 -5.47 0.51 -20.31
N ASP A 329 -5.63 0.99 -21.54
CA ASP A 329 -6.91 1.53 -22.10
C ASP A 329 -7.86 0.39 -22.51
N ALA A 330 -7.33 -0.78 -22.83
CA ALA A 330 -8.06 -1.96 -23.33
C ALA A 330 -8.46 -2.90 -22.16
N LEU A 331 -8.78 -2.34 -21.00
CA LEU A 331 -9.12 -3.14 -19.78
C LEU A 331 -10.45 -2.64 -19.20
N ASP A 332 -11.27 -3.57 -18.73
CA ASP A 332 -12.48 -3.22 -17.94
C ASP A 332 -12.05 -3.23 -16.47
N PRO A 334 -13.14 -0.18 -13.76
CA PRO A 334 -13.60 1.19 -13.50
C PRO A 334 -12.88 1.86 -12.32
N GLU A 335 -12.26 1.07 -11.44
CA GLU A 335 -11.44 1.54 -10.30
C GLU A 335 -10.19 0.66 -10.18
N VAL A 336 -9.00 1.27 -10.24
CA VAL A 336 -7.71 0.55 -10.08
C VAL A 336 -7.44 0.38 -8.60
N PRO A 337 -7.10 -0.84 -8.05
CA PRO A 337 -6.78 -1.02 -6.63
C PRO A 337 -5.86 0.07 -6.04
N PRO A 338 -6.35 0.90 -5.10
CA PRO A 338 -5.67 2.15 -4.72
C PRO A 338 -4.41 2.09 -3.83
N ARG A 339 -4.16 1.00 -3.11
CA ARG A 339 -2.87 0.82 -2.37
C ARG A 339 -1.78 0.53 -3.39
N VAL A 341 -1.64 1.80 -6.44
CA VAL A 341 -1.19 3.10 -7.03
C VAL A 341 -0.17 3.76 -6.06
N GLU A 342 -0.50 3.91 -4.76
CA GLU A 342 0.40 4.47 -3.70
C GLU A 342 1.72 3.70 -3.58
N GLN A 343 1.66 2.38 -3.58
CA GLN A 343 2.87 1.53 -3.44
C GLN A 343 3.79 1.84 -4.62
N LEU A 344 3.24 2.01 -5.82
CA LEU A 344 4.07 2.19 -7.05
C LEU A 344 4.58 3.64 -7.09
N GLY A 345 3.71 4.59 -6.73
CA GLY A 345 4.10 5.99 -6.50
C GLY A 345 5.34 6.07 -5.62
N GLU A 346 5.35 5.31 -4.51
CA GLU A 346 6.40 5.35 -3.45
C GLU A 346 7.68 4.76 -4.01
N ARG A 347 7.61 3.63 -4.72
CA ARG A 347 8.78 2.97 -5.36
C ARG A 347 9.40 3.88 -6.41
N GLN A 348 8.60 4.53 -7.27
CA GLN A 348 9.06 5.47 -8.32
C GLN A 348 9.71 6.67 -7.63
N PHE A 349 9.09 7.19 -6.57
CA PHE A 349 9.63 8.31 -5.78
C PHE A 349 11.08 7.98 -5.41
N GLN A 350 11.27 6.85 -4.74
CA GLN A 350 12.58 6.36 -4.24
C GLN A 350 13.56 6.15 -5.41
N ALA A 351 13.15 5.47 -6.47
CA ALA A 351 14.02 5.21 -7.63
C ALA A 351 14.57 6.53 -8.15
N GLN A 352 13.80 7.63 -8.15
CA GLN A 352 14.23 8.90 -8.75
C GLN A 352 15.12 9.72 -7.80
N LEU A 353 14.90 9.65 -6.49
CA LEU A 353 15.82 10.18 -5.46
C LEU A 353 17.18 9.50 -5.57
N LEU A 354 17.19 8.22 -5.91
CA LEU A 354 18.42 7.38 -5.95
C LEU A 354 19.18 7.78 -7.19
N GLN A 355 18.49 7.84 -8.33
CA GLN A 355 19.05 8.31 -9.61
C GLN A 355 19.75 9.65 -9.35
N ILE A 357 21.14 10.82 -6.45
CA ILE A 357 22.38 10.67 -5.63
C ILE A 357 23.47 10.02 -6.49
N GLU A 358 23.15 8.99 -7.28
CA GLU A 358 24.14 8.22 -8.07
C GLU A 358 24.60 9.04 -9.28
N ASP A 359 23.79 9.97 -9.77
CA ASP A 359 24.18 10.82 -10.94
C ASP A 359 24.78 12.13 -10.41
N ARG A 360 25.03 12.21 -9.10
CA ARG A 360 25.75 13.33 -8.45
C ARG A 360 25.14 14.68 -8.87
N ILE A 361 23.81 14.73 -9.03
CA ILE A 361 23.07 15.95 -9.42
C ILE A 361 22.58 16.58 -8.11
N GLY A 362 23.52 17.08 -7.31
CA GLY A 362 23.24 17.67 -5.99
C GLY A 362 23.80 16.79 -4.89
N SER A 363 24.14 17.40 -3.74
CA SER A 363 24.71 16.71 -2.55
C SER A 363 23.76 15.59 -2.09
N ARG A 364 24.31 14.54 -1.49
CA ARG A 364 23.49 13.44 -0.93
C ARG A 364 22.64 13.96 0.22
N GLU A 365 23.16 14.94 0.96
CA GLU A 365 22.46 15.50 2.16
C GLU A 365 21.31 16.39 1.68
N ASP A 366 21.48 17.06 0.52
CA ASP A 366 20.47 17.97 -0.05
C ASP A 366 19.34 17.13 -0.66
N VAL A 367 19.70 16.10 -1.43
CA VAL A 367 18.72 15.17 -2.07
C VAL A 367 17.88 14.53 -0.96
N GLU A 368 18.50 14.10 0.14
CA GLU A 368 17.77 13.42 1.24
C GLU A 368 16.94 14.46 2.03
N LYS A 369 17.10 15.75 1.76
CA LYS A 369 16.31 16.84 2.40
C LYS A 369 15.00 17.00 1.63
N LEU A 370 14.94 16.48 0.40
CA LEU A 370 13.72 16.49 -0.45
C LEU A 370 12.93 15.20 -0.22
N ALA A 371 13.49 14.26 0.51
CA ALA A 371 12.79 13.01 0.86
C ALA A 371 11.79 13.26 1.98
N THR A 372 10.88 14.22 1.83
CA THR A 372 9.85 14.55 2.85
C THR A 372 8.53 13.88 2.48
N GLU A 373 7.65 13.69 3.46
CA GLU A 373 6.27 13.19 3.21
C GLU A 373 5.51 14.14 2.28
N GLU A 374 5.71 15.45 2.45
CA GLU A 374 5.02 16.52 1.68
C GLU A 374 5.43 16.39 0.21
N ALA A 376 6.77 13.71 -1.25
CA ALA A 376 6.28 12.38 -1.71
C ALA A 376 4.77 12.41 -2.03
N ALA A 377 3.95 13.05 -1.18
CA ALA A 377 2.51 13.29 -1.46
C ALA A 377 2.35 13.98 -2.83
N GLU A 378 3.08 15.09 -3.04
CA GLU A 378 2.90 15.99 -4.22
C GLU A 378 3.25 15.20 -5.49
N PHE A 379 4.34 14.46 -5.45
CA PHE A 379 4.83 13.61 -6.55
C PHE A 379 3.75 12.60 -6.92
N ILE A 380 3.22 11.87 -5.95
CA ILE A 380 2.23 10.78 -6.22
C ILE A 380 0.97 11.39 -6.82
N ARG A 381 0.48 12.50 -6.29
CA ARG A 381 -0.79 13.11 -6.76
C ARG A 381 -0.62 13.60 -8.20
N GLU A 382 0.47 14.31 -8.53
CA GLU A 382 0.63 14.96 -9.85
C GLU A 382 0.86 13.91 -10.95
N ARG A 383 0.79 12.61 -10.63
CA ARG A 383 0.98 11.51 -11.61
C ARG A 383 -0.07 10.42 -11.37
N LYS A 384 -1.22 10.76 -10.79
CA LYS A 384 -2.17 9.70 -10.36
C LYS A 384 -2.59 8.92 -11.61
N LYS A 385 -2.96 9.63 -12.69
CA LYS A 385 -3.43 9.01 -13.96
C LYS A 385 -2.32 8.09 -14.51
N ASP A 386 -1.08 8.59 -14.59
CA ASP A 386 0.07 7.84 -15.16
C ASP A 386 0.27 6.58 -14.30
N LEU A 387 0.17 6.73 -12.98
CA LEU A 387 0.41 5.62 -12.00
C LEU A 387 -0.68 4.54 -12.12
N GLU A 388 -1.96 4.93 -12.29
CA GLU A 388 -3.09 3.97 -12.48
C GLU A 388 -2.92 3.15 -13.77
N ASP A 389 -2.69 3.85 -14.90
CA ASP A 389 -2.37 3.23 -16.21
C ASP A 389 -1.27 2.19 -16.00
N GLN A 390 -0.19 2.56 -15.28
CA GLN A 390 0.99 1.71 -14.99
C GLN A 390 0.61 0.48 -14.16
N VAL A 391 -0.32 0.61 -13.21
CA VAL A 391 -0.80 -0.53 -12.38
C VAL A 391 -1.65 -1.47 -13.25
N LYS A 392 -2.61 -0.92 -14.00
CA LYS A 392 -3.46 -1.70 -14.96
C LYS A 392 -2.52 -2.56 -15.80
N PHE A 393 -1.50 -1.93 -16.37
CA PHE A 393 -0.51 -2.62 -17.21
C PHE A 393 0.16 -3.75 -16.41
N ASN A 394 0.58 -3.48 -15.16
CA ASN A 394 1.29 -4.51 -14.34
C ASN A 394 0.35 -5.70 -14.13
N LEU A 395 -0.93 -5.44 -13.82
CA LEU A 395 -1.97 -6.51 -13.64
C LEU A 395 -2.15 -7.27 -14.96
N ALA A 396 -2.34 -6.53 -16.06
CA ALA A 396 -2.42 -7.05 -17.44
C ALA A 396 -1.18 -7.90 -17.73
N VAL A 397 0.02 -7.44 -17.34
CA VAL A 397 1.29 -8.20 -17.55
C VAL A 397 1.19 -9.56 -16.87
N ASP A 398 0.52 -9.63 -15.71
CA ASP A 398 0.40 -10.87 -14.89
C ASP A 398 -0.55 -11.84 -15.63
N ASP A 399 -1.57 -11.29 -16.30
CA ASP A 399 -2.49 -12.10 -17.15
C ASP A 399 -1.70 -12.66 -18.34
N ILE A 400 -1.13 -11.78 -19.17
CA ILE A 400 -0.45 -12.20 -20.42
C ILE A 400 0.60 -13.26 -20.11
N TRP A 401 1.26 -13.19 -18.95
CA TRP A 401 2.37 -14.10 -18.59
C TRP A 401 1.87 -15.54 -18.61
N VAL A 402 0.66 -15.77 -18.07
CA VAL A 402 0.04 -17.12 -18.03
C VAL A 402 -0.47 -17.43 -19.44
N ARG A 403 -1.39 -16.60 -19.95
CA ARG A 403 -2.02 -16.77 -21.28
C ARG A 403 -0.96 -17.18 -22.31
N LYS A 404 0.14 -16.44 -22.47
CA LYS A 404 1.10 -16.71 -23.57
C LYS A 404 2.21 -17.65 -23.10
N GLY A 405 2.07 -18.24 -21.91
CA GLY A 405 3.01 -19.25 -21.36
C GLY A 405 4.45 -18.78 -21.37
N LEU A 406 4.71 -17.51 -21.03
CA LEU A 406 6.09 -16.94 -20.97
C LEU A 406 6.77 -17.48 -19.70
N VAL A 407 8.10 -17.59 -19.73
CA VAL A 407 8.94 -18.18 -18.62
C VAL A 407 10.02 -17.18 -18.20
N LEU A 408 10.08 -16.88 -16.89
CA LEU A 408 11.11 -16.00 -16.28
C LEU A 408 12.47 -16.70 -16.32
N GLU A 409 13.48 -16.08 -16.91
CA GLU A 409 14.85 -16.67 -16.87
C GLU A 409 15.56 -16.13 -15.62
N ASP A 410 15.89 -17.05 -14.69
CA ASP A 410 16.53 -16.78 -13.37
C ASP A 410 17.77 -15.89 -13.54
N GLU A 411 18.54 -16.11 -14.61
CA GLU A 411 19.74 -15.27 -14.92
C GLU A 411 19.33 -13.82 -15.22
N ALA A 412 18.12 -13.58 -15.72
CA ALA A 412 17.62 -12.21 -15.99
C ALA A 412 17.19 -11.55 -14.68
N VAL A 413 16.61 -12.33 -13.76
CA VAL A 413 16.17 -11.82 -12.43
C VAL A 413 17.43 -11.49 -11.61
N GLU A 414 18.43 -12.38 -11.57
CA GLU A 414 19.68 -12.15 -10.81
C GLU A 414 20.46 -10.96 -11.40
N ALA A 415 20.40 -10.70 -12.72
CA ALA A 415 21.12 -9.54 -13.33
C ALA A 415 20.46 -8.25 -12.86
N GLU A 416 19.13 -8.21 -12.84
CA GLU A 416 18.35 -7.02 -12.40
C GLU A 416 18.48 -6.81 -10.87
N PHE A 417 18.51 -7.88 -10.09
CA PHE A 417 18.63 -7.83 -8.62
C PHE A 417 20.00 -7.26 -8.23
N SER A 418 21.09 -7.82 -8.75
CA SER A 418 22.47 -7.38 -8.40
C SER A 418 22.62 -5.90 -8.75
N LEU A 419 22.16 -5.50 -9.94
CA LEU A 419 22.07 -4.09 -10.39
C LEU A 419 21.35 -3.24 -9.34
N ARG A 420 20.19 -3.67 -8.86
CA ARG A 420 19.43 -2.93 -7.81
C ARG A 420 20.21 -2.91 -6.51
N ALA A 421 20.93 -3.98 -6.17
CA ALA A 421 21.63 -4.15 -4.88
C ALA A 421 22.87 -3.26 -4.86
N ARG A 422 23.63 -3.18 -5.96
CA ARG A 422 24.79 -2.27 -6.12
C ARG A 422 24.37 -0.84 -5.76
N GLN A 423 23.35 -0.33 -6.46
CA GLN A 423 22.72 1.00 -6.24
C GLN A 423 22.50 1.24 -4.75
N GLU A 425 23.68 -0.15 -2.17
CA GLU A 425 24.94 -0.21 -1.39
C GLU A 425 25.66 1.14 -1.54
N ALA A 426 25.88 1.58 -2.78
CA ALA A 426 26.60 2.83 -3.10
C ALA A 426 25.98 4.00 -2.33
N VAL A 427 24.66 3.98 -2.12
CA VAL A 427 23.91 5.03 -1.37
C VAL A 427 23.79 4.61 0.12
N GLY A 428 24.41 3.48 0.50
CA GLY A 428 24.43 2.94 1.87
C GLY A 428 23.05 2.95 2.51
N GLN A 429 22.16 2.07 2.06
CA GLN A 429 20.75 1.94 2.55
C GLN A 429 20.34 0.48 2.63
N PRO A 430 19.63 0.04 3.68
CA PRO A 430 19.20 -1.34 3.79
C PRO A 430 17.86 -1.61 3.07
N PHE A 431 17.63 -2.87 2.70
CA PHE A 431 16.36 -3.28 2.06
C PHE A 431 16.03 -4.73 2.39
N ASP A 432 14.73 -5.02 2.36
CA ASP A 432 14.17 -6.38 2.50
C ASP A 432 14.40 -7.16 1.20
N ARG A 433 15.20 -8.24 1.26
CA ARG A 433 15.66 -9.04 0.10
C ARG A 433 14.46 -9.58 -0.68
N GLU A 434 13.43 -10.07 0.01
CA GLU A 434 12.24 -10.72 -0.59
C GLU A 434 11.39 -9.67 -1.30
N ASP A 435 11.26 -8.48 -0.72
CA ASP A 435 10.42 -7.37 -1.26
C ASP A 435 11.09 -6.81 -2.51
N LEU A 437 12.83 -8.62 -4.37
CA LEU A 437 12.77 -9.72 -5.34
C LEU A 437 11.40 -9.69 -6.01
N ASP A 438 10.32 -9.41 -5.29
CA ASP A 438 8.98 -9.24 -5.90
C ASP A 438 9.03 -8.08 -6.94
N ASP A 439 9.83 -7.05 -6.68
CA ASP A 439 9.90 -5.80 -7.47
C ASP A 439 10.79 -6.05 -8.69
N VAL A 440 11.90 -6.76 -8.52
CA VAL A 440 12.86 -7.14 -9.61
C VAL A 440 12.14 -8.05 -10.60
N ARG A 441 11.24 -8.90 -10.11
CA ARG A 441 10.47 -9.86 -10.92
C ARG A 441 9.40 -9.09 -11.70
N GLU A 442 8.74 -8.13 -11.04
CA GLU A 442 7.74 -7.24 -11.72
C GLU A 442 8.41 -6.54 -12.92
N THR A 443 9.62 -6.01 -12.74
CA THR A 443 10.37 -5.22 -13.75
C THR A 443 10.80 -6.08 -14.94
N VAL A 444 11.21 -7.34 -14.72
CA VAL A 444 11.79 -8.23 -15.77
C VAL A 444 10.66 -8.77 -16.65
N LYS A 445 9.49 -9.02 -16.06
CA LYS A 445 8.28 -9.47 -16.77
C LYS A 445 7.83 -8.36 -17.70
N SER A 446 7.58 -7.18 -17.12
CA SER A 446 7.26 -5.92 -17.81
C SER A 446 8.18 -5.77 -19.03
N VAL A 447 9.49 -5.95 -18.87
CA VAL A 447 10.47 -5.79 -19.99
C VAL A 447 10.16 -6.85 -21.07
N THR A 448 9.80 -8.08 -20.69
CA THR A 448 9.57 -9.22 -21.63
C THR A 448 8.23 -9.12 -22.38
N VAL A 449 7.15 -8.71 -21.72
CA VAL A 449 5.81 -8.43 -22.33
C VAL A 449 5.85 -7.18 -23.21
N ILE A 450 6.63 -6.15 -22.88
CA ILE A 450 6.79 -4.97 -23.77
C ILE A 450 7.49 -5.42 -25.06
N GLU A 451 8.51 -6.28 -24.96
CA GLU A 451 9.29 -6.75 -26.14
C GLU A 451 8.34 -7.55 -27.03
N TRP A 452 7.55 -8.45 -26.45
CA TRP A 452 6.53 -9.28 -27.15
C TRP A 452 5.51 -8.37 -27.86
N LEU A 453 4.83 -7.49 -27.13
CA LEU A 453 3.85 -6.54 -27.71
C LEU A 453 4.48 -5.80 -28.89
N LYS A 454 5.73 -5.37 -28.73
CA LYS A 454 6.45 -4.56 -29.75
C LYS A 454 6.44 -5.31 -31.09
N ASP A 455 6.54 -6.63 -31.05
CA ASP A 455 6.74 -7.44 -32.28
C ASP A 455 5.47 -8.23 -32.63
N ASN A 456 4.36 -8.03 -31.93
CA ASN A 456 3.07 -8.65 -32.37
C ASN A 456 1.90 -7.80 -31.87
N VAL A 457 1.99 -6.48 -32.01
CA VAL A 457 0.83 -5.59 -31.85
C VAL A 457 0.78 -4.80 -33.15
N LYS A 458 -0.41 -4.39 -33.59
CA LYS A 458 -0.55 -3.69 -34.89
C LYS A 458 0.00 -2.28 -34.75
N ARG A 459 1.11 -1.97 -35.45
CA ARG A 459 1.66 -0.59 -35.52
C ARG A 459 0.99 0.21 -36.62
N HIS A 460 0.55 1.43 -36.30
CA HIS A 460 0.31 2.53 -37.27
C HIS A 460 1.20 3.72 -36.92
N VAL A 461 2.23 3.99 -37.73
CA VAL A 461 3.06 5.23 -37.62
C VAL A 461 2.50 6.30 -38.55
N LEU A 462 1.86 7.34 -38.01
CA LEU A 462 1.46 8.59 -38.72
C LEU A 462 2.72 9.38 -39.07
N PRO A 463 2.70 10.28 -40.08
CA PRO A 463 3.88 11.06 -40.44
C PRO A 463 3.82 12.46 -39.82
N TYR A 464 4.98 13.14 -39.76
CA TYR A 464 5.14 14.51 -39.22
C TYR A 464 4.49 15.49 -40.21
N THR A 465 3.82 16.52 -39.68
CA THR A 465 3.28 17.66 -40.47
C THR A 465 3.61 18.97 -39.72
N ALA A 466 3.91 20.04 -40.46
CA ALA A 466 4.11 21.43 -39.97
C ALA A 466 2.90 21.87 -39.14
N VAL B 138 16.91 2.72 21.77
CA VAL B 138 15.65 3.49 21.52
C VAL B 138 14.71 2.64 20.67
N ALA B 139 13.41 2.97 20.69
CA ALA B 139 12.42 2.61 19.66
C ALA B 139 12.81 3.35 18.39
N PRO B 140 12.64 2.78 17.18
CA PRO B 140 12.95 3.52 15.96
C PRO B 140 12.14 4.81 15.98
N PRO B 141 12.63 5.91 15.36
CA PRO B 141 11.78 7.07 15.08
C PRO B 141 10.77 6.74 13.97
N VAL B 142 9.67 7.50 13.86
CA VAL B 142 8.55 7.12 12.94
C VAL B 142 8.72 7.86 11.60
N VAL B 143 9.02 7.06 10.57
CA VAL B 143 9.04 7.52 9.14
C VAL B 143 7.79 6.98 8.43
N TRP B 144 6.97 7.90 7.95
CA TRP B 144 5.83 7.58 7.06
C TRP B 144 6.32 7.44 5.61
N ARG B 145 6.59 6.19 5.18
CA ARG B 145 6.82 5.82 3.75
C ARG B 145 5.54 6.14 2.96
N THR B 146 4.39 5.67 3.43
CA THR B 146 3.07 6.18 2.96
C THR B 146 2.77 7.44 3.74
N PRO B 147 2.82 8.64 3.13
CA PRO B 147 2.39 9.86 3.83
C PRO B 147 1.06 9.72 4.58
N LEU B 148 0.98 10.39 5.72
CA LEU B 148 -0.21 10.52 6.58
C LEU B 148 -1.36 11.15 5.78
N GLU B 149 -1.13 12.29 5.15
CA GLU B 149 -2.14 12.97 4.26
C GLU B 149 -2.78 11.99 3.28
N GLU B 150 -2.11 10.93 2.83
CA GLU B 150 -2.53 10.02 1.72
C GLU B 150 -2.88 8.63 2.27
N LEU B 151 -3.06 8.53 3.59
CA LEU B 151 -3.41 7.27 4.30
C LEU B 151 -4.86 6.90 3.95
N GLU B 152 -5.04 5.68 3.43
CA GLU B 152 -6.35 5.13 3.03
C GLU B 152 -6.57 3.85 3.84
N VAL B 153 -7.82 3.55 4.14
CA VAL B 153 -8.23 2.26 4.74
C VAL B 153 -9.28 1.65 3.81
N THR B 154 -9.20 0.36 3.52
CA THR B 154 -10.25 -0.38 2.80
C THR B 154 -10.86 -1.38 3.78
N ILE B 155 -12.16 -1.63 3.67
CA ILE B 155 -12.85 -2.79 4.34
C ILE B 155 -13.57 -3.61 3.27
N ARG B 156 -13.43 -4.93 3.34
CA ARG B 156 -14.32 -5.88 2.61
C ARG B 156 -15.56 -6.15 3.46
N ASP B 157 -16.74 -5.94 2.87
CA ASP B 157 -18.03 -6.54 3.31
C ASP B 157 -17.79 -8.03 3.59
N THR B 158 -18.36 -8.55 4.67
CA THR B 158 -18.12 -9.95 5.14
C THR B 158 -19.24 -10.87 4.67
N GLY B 159 -20.20 -10.35 3.90
CA GLY B 159 -21.33 -11.16 3.38
C GLY B 159 -22.21 -10.42 2.39
N ASP B 160 -22.97 -11.19 1.62
CA ASP B 160 -24.00 -10.70 0.67
C ASP B 160 -25.36 -11.34 1.06
N PHE B 161 -26.38 -11.19 0.21
CA PHE B 161 -27.73 -11.72 0.47
C PHE B 161 -27.65 -13.25 0.53
N SER B 162 -26.98 -13.88 -0.44
CA SER B 162 -26.90 -15.36 -0.54
C SER B 162 -26.42 -15.94 0.81
N THR B 163 -25.51 -15.23 1.49
CA THR B 163 -24.87 -15.58 2.77
C THR B 163 -25.83 -15.39 3.95
N ASP B 164 -26.51 -14.24 3.99
CA ASP B 164 -27.48 -13.91 5.07
C ASP B 164 -28.63 -14.92 4.99
N ALA B 165 -29.04 -15.29 3.77
CA ALA B 165 -30.11 -16.26 3.45
C ALA B 165 -29.72 -17.64 4.00
N ALA B 166 -28.49 -18.08 3.78
CA ALA B 166 -27.94 -19.37 4.27
C ALA B 166 -27.86 -19.36 5.81
N ALA B 167 -27.41 -18.27 6.43
CA ALA B 167 -27.35 -18.19 7.90
C ALA B 167 -28.77 -18.25 8.47
N ALA B 168 -29.72 -17.60 7.79
CA ALA B 168 -31.14 -17.52 8.18
C ALA B 168 -31.76 -18.93 8.11
N ASP B 169 -31.51 -19.64 7.01
CA ASP B 169 -31.97 -21.04 6.84
C ASP B 169 -31.37 -21.87 7.99
N ASP B 170 -30.10 -21.69 8.37
CA ASP B 170 -29.52 -22.51 9.47
C ASP B 170 -30.20 -22.20 10.79
N LEU B 171 -30.56 -20.94 11.04
CA LEU B 171 -31.26 -20.55 12.29
C LEU B 171 -32.66 -21.15 12.31
N ILE B 172 -33.31 -21.22 11.15
CA ILE B 172 -34.70 -21.72 11.03
C ILE B 172 -34.65 -23.21 11.37
N ARG B 173 -33.61 -23.90 10.92
CA ARG B 173 -33.42 -25.33 11.24
C ARG B 173 -33.17 -25.49 12.75
N GLN B 174 -32.47 -24.55 13.38
CA GLN B 174 -32.13 -24.70 14.81
C GLN B 174 -33.38 -24.42 15.63
N TYR B 175 -34.24 -23.53 15.17
CA TYR B 175 -35.53 -23.27 15.85
C TYR B 175 -36.36 -24.56 15.75
N ARG B 176 -36.44 -25.08 14.53
CA ARG B 176 -37.19 -26.32 14.24
C ARG B 176 -36.69 -27.45 15.14
N LYS B 177 -35.38 -27.58 15.38
CA LYS B 177 -34.76 -28.65 16.21
C LYS B 177 -35.24 -28.53 17.65
N GLN B 178 -35.59 -27.33 18.10
CA GLN B 178 -36.16 -27.19 19.46
C GLN B 178 -37.47 -28.01 19.53
N HIS B 179 -38.14 -28.20 18.41
CA HIS B 179 -39.46 -28.89 18.31
C HIS B 179 -39.28 -30.23 17.58
N GLY B 180 -38.05 -30.76 17.53
CA GLY B 180 -37.73 -31.92 16.69
C GLY B 180 -38.03 -33.24 17.41
N PHE B 181 -38.13 -34.30 16.63
CA PHE B 181 -38.31 -35.67 17.15
C PHE B 181 -36.94 -36.32 17.16
N SER B 182 -36.58 -36.96 18.26
CA SER B 182 -35.24 -37.57 18.33
C SER B 182 -35.32 -39.06 18.67
N ARG B 183 -34.22 -39.75 18.39
CA ARG B 183 -34.05 -41.18 18.72
C ARG B 183 -32.55 -41.44 18.85
N VAL B 184 -32.21 -42.43 19.64
CA VAL B 184 -30.82 -42.89 19.88
C VAL B 184 -30.24 -43.47 18.60
N VAL B 185 -29.02 -43.06 18.28
CA VAL B 185 -28.24 -43.52 17.10
C VAL B 185 -27.73 -44.93 17.37
N ALA B 186 -27.89 -45.83 16.38
CA ALA B 186 -27.33 -47.20 16.36
C ALA B 186 -26.93 -47.57 14.93
N GLY B 187 -25.83 -48.32 14.79
CA GLY B 187 -25.32 -48.84 13.50
C GLY B 187 -24.42 -47.85 12.77
N ARG B 188 -24.26 -46.63 13.29
CA ARG B 188 -23.23 -45.69 12.77
C ARG B 188 -22.64 -44.86 13.91
N GLY B 189 -21.72 -44.00 13.54
CA GLY B 189 -20.98 -43.12 14.44
C GLY B 189 -21.40 -41.70 14.17
N LEU B 190 -20.92 -40.77 14.98
CA LEU B 190 -21.38 -39.36 15.02
C LEU B 190 -21.37 -38.73 13.63
N GLN B 191 -22.39 -37.97 13.28
CA GLN B 191 -22.40 -37.12 12.06
C GLN B 191 -22.94 -35.71 12.34
N LEU B 192 -22.61 -34.77 11.45
CA LEU B 192 -23.20 -33.43 11.42
C LEU B 192 -24.70 -33.64 11.28
N GLY B 193 -25.49 -33.01 12.16
CA GLY B 193 -26.94 -33.27 12.37
C GLY B 193 -27.22 -33.76 13.79
N ASP B 194 -26.36 -34.64 14.30
CA ASP B 194 -26.58 -35.37 15.58
C ASP B 194 -26.35 -34.40 16.73
N THR B 195 -26.68 -34.89 17.91
CA THR B 195 -26.74 -34.26 19.23
C THR B 195 -26.15 -35.32 20.15
N LEU B 196 -25.48 -34.94 21.22
CA LEU B 196 -24.80 -35.95 22.06
C LEU B 196 -24.58 -35.40 23.46
N VAL B 197 -24.36 -36.31 24.39
CA VAL B 197 -23.97 -36.05 25.81
C VAL B 197 -22.57 -36.64 25.96
N ILE B 198 -21.62 -35.94 26.58
CA ILE B 198 -20.20 -36.34 26.62
C ILE B 198 -19.56 -35.98 27.96
N ASP B 199 -18.50 -36.67 28.35
CA ASP B 199 -17.43 -36.12 29.24
C ASP B 199 -16.56 -35.25 28.36
N LEU B 200 -16.34 -34.00 28.75
CA LEU B 200 -15.44 -33.09 28.01
C LEU B 200 -14.41 -32.54 29.00
N GLU B 201 -13.14 -32.48 28.58
CA GLU B 201 -12.05 -31.85 29.34
C GLU B 201 -11.08 -31.22 28.36
N ILE B 202 -11.05 -29.88 28.33
CA ILE B 202 -10.18 -29.12 27.39
C ILE B 202 -8.98 -28.54 28.19
N THR B 203 -7.77 -28.76 27.67
CA THR B 203 -6.52 -28.52 28.42
C THR B 203 -5.61 -27.74 27.48
N SER B 204 -4.74 -26.88 28.01
CA SER B 204 -3.72 -26.17 27.18
C SER B 204 -2.72 -27.19 26.66
N LYS B 205 -2.32 -27.10 25.40
CA LYS B 205 -1.41 -28.12 24.83
C LYS B 205 -0.06 -28.04 25.56
N ALA B 206 0.45 -26.82 25.75
CA ALA B 206 1.79 -26.59 26.31
C ALA B 206 1.84 -26.93 27.81
N THR B 207 1.01 -26.28 28.62
CA THR B 207 1.09 -26.39 30.10
C THR B 207 0.29 -27.60 30.61
N GLY B 208 -0.79 -27.99 29.92
CA GLY B 208 -1.66 -29.09 30.36
C GLY B 208 -2.68 -28.63 31.40
N GLN B 209 -2.78 -27.32 31.61
CA GLN B 209 -3.74 -26.75 32.58
C GLN B 209 -5.13 -26.77 31.94
N ALA B 210 -6.12 -27.15 32.72
CA ALA B 210 -7.53 -27.18 32.29
C ALA B 210 -8.02 -25.75 32.02
N LEU B 211 -8.81 -25.59 30.97
CA LEU B 211 -9.43 -24.29 30.66
C LEU B 211 -10.61 -24.12 31.60
N PRO B 212 -10.77 -22.92 32.21
CA PRO B 212 -11.89 -22.65 33.11
C PRO B 212 -13.26 -22.82 32.44
N GLY B 213 -14.12 -23.64 33.05
CA GLY B 213 -15.51 -23.84 32.61
C GLY B 213 -15.66 -24.82 31.47
N LEU B 214 -14.60 -25.51 31.07
CA LEU B 214 -14.61 -26.42 29.91
C LEU B 214 -14.31 -27.85 30.36
N THR B 215 -14.66 -28.17 31.60
CA THR B 215 -14.58 -29.55 32.12
C THR B 215 -15.97 -29.91 32.64
N HIS B 216 -16.67 -30.82 31.93
CA HIS B 216 -18.07 -31.19 32.22
C HIS B 216 -18.23 -32.71 32.12
N LYS B 217 -19.19 -33.29 32.83
CA LYS B 217 -19.34 -34.76 32.92
C LYS B 217 -20.54 -35.24 32.09
N ARG B 218 -21.61 -34.45 32.00
CA ARG B 218 -22.79 -34.79 31.18
C ARG B 218 -23.09 -33.63 30.25
N PHE B 219 -22.06 -33.06 29.65
CA PHE B 219 -22.17 -31.91 28.70
C PHE B 219 -23.09 -32.30 27.53
N SER B 220 -24.21 -31.59 27.39
CA SER B 220 -25.11 -31.75 26.23
C SER B 220 -24.65 -30.80 25.14
N PHE B 221 -24.71 -31.20 23.88
CA PHE B 221 -24.07 -30.41 22.80
C PHE B 221 -24.72 -30.76 21.48
N ASP B 222 -24.95 -29.74 20.68
CA ASP B 222 -25.49 -29.88 19.32
C ASP B 222 -24.35 -29.64 18.36
N THR B 223 -24.18 -30.56 17.44
CA THR B 223 -23.10 -30.58 16.43
C THR B 223 -23.29 -29.39 15.48
N GLU B 224 -24.51 -28.87 15.36
CA GLU B 224 -24.87 -27.72 14.47
C GLU B 224 -25.02 -26.44 15.30
N ALA B 225 -24.62 -26.47 16.56
CA ALA B 225 -24.53 -25.28 17.44
C ALA B 225 -23.25 -25.39 18.26
N ASP B 226 -22.12 -25.68 17.60
CA ASP B 226 -20.83 -25.99 18.29
C ASP B 226 -19.98 -24.74 18.39
N VAL B 227 -19.88 -24.16 19.58
CA VAL B 227 -19.12 -22.89 19.75
C VAL B 227 -17.63 -23.21 19.79
N LEU B 228 -17.27 -24.47 20.06
CA LEU B 228 -15.87 -24.85 20.32
C LEU B 228 -15.20 -25.35 19.05
N GLY B 229 -15.95 -25.94 18.14
CA GLY B 229 -15.40 -26.55 16.91
C GLY B 229 -14.97 -27.99 17.13
N ILE B 230 -15.42 -28.66 18.19
CA ILE B 230 -14.91 -30.02 18.58
C ILE B 230 -15.56 -31.10 17.73
N THR B 231 -16.55 -30.77 16.90
CA THR B 231 -17.34 -31.76 16.12
C THR B 231 -16.42 -32.49 15.14
N SER B 232 -15.52 -31.78 14.49
CA SER B 232 -14.59 -32.33 13.47
C SER B 232 -13.77 -33.52 14.01
N GLY B 233 -13.16 -33.38 15.16
CA GLY B 233 -12.31 -34.43 15.72
C GLY B 233 -13.10 -35.57 16.34
N LEU B 235 -16.03 -36.88 14.79
CA LEU B 235 -16.86 -37.57 13.77
C LEU B 235 -16.45 -39.05 13.68
N GLY B 236 -17.43 -39.96 13.71
CA GLY B 236 -17.22 -41.41 13.62
C GLY B 236 -17.24 -42.05 14.98
N LYS B 238 -18.53 -43.47 18.50
CA LYS B 238 -19.79 -44.15 18.90
C LYS B 238 -19.89 -44.03 20.41
N ALA B 239 -21.02 -44.45 20.97
CA ALA B 239 -21.25 -44.41 22.42
C ALA B 239 -20.25 -45.34 23.10
N GLY B 240 -19.73 -44.92 24.25
CA GLY B 240 -18.68 -45.64 24.99
C GLY B 240 -17.29 -45.29 24.53
N GLU B 241 -17.13 -44.69 23.32
CA GLU B 241 -15.76 -44.47 22.77
C GLU B 241 -15.19 -43.19 23.39
N SER B 242 -13.87 -43.10 23.45
CA SER B 242 -13.14 -41.91 23.93
C SER B 242 -12.14 -41.47 22.85
N ARG B 243 -11.83 -40.18 22.79
CA ARG B 243 -10.83 -39.65 21.84
C ARG B 243 -10.12 -38.49 22.51
N THR B 244 -8.79 -38.41 22.43
CA THR B 244 -8.02 -37.22 22.89
C THR B 244 -7.36 -36.64 21.63
N PHE B 245 -7.66 -35.41 21.27
CA PHE B 245 -7.24 -34.89 19.96
C PHE B 245 -6.79 -33.43 20.12
N ASN B 246 -6.05 -33.00 19.10
CA ASN B 246 -5.45 -31.66 19.06
C ASN B 246 -6.38 -30.75 18.28
N SER B 248 -7.04 -26.16 17.61
CA SER B 248 -6.89 -24.74 17.99
C SER B 248 -8.27 -24.21 18.40
N PRO B 250 -11.43 -21.54 18.81
CA PRO B 250 -11.95 -20.60 17.83
C PRO B 250 -11.24 -19.24 17.87
N GLU B 251 -11.02 -18.64 16.70
CA GLU B 251 -10.45 -17.27 16.55
C GLU B 251 -11.32 -16.21 17.23
N ASP B 252 -12.62 -16.45 17.40
CA ASP B 252 -13.59 -15.41 17.84
C ASP B 252 -14.29 -15.89 19.13
N TYR B 253 -13.64 -16.76 19.89
CA TYR B 253 -14.21 -17.29 21.15
C TYR B 253 -14.53 -16.11 22.08
N ASP B 254 -15.67 -16.20 22.78
CA ASP B 254 -16.16 -15.16 23.72
C ASP B 254 -15.07 -14.83 24.74
N VAL B 255 -14.36 -15.84 25.26
CA VAL B 255 -13.21 -15.56 26.17
C VAL B 255 -12.00 -15.26 25.30
N GLU B 256 -11.61 -13.99 25.22
CA GLU B 256 -10.58 -13.47 24.28
C GLU B 256 -9.26 -14.20 24.52
N PHE B 257 -8.98 -14.55 25.75
CA PHE B 257 -7.67 -15.13 26.16
C PHE B 257 -7.38 -16.45 25.44
N TRP B 258 -8.42 -17.25 25.19
CA TRP B 258 -8.24 -18.62 24.61
C TRP B 258 -8.32 -18.57 23.09
N GLN B 259 -8.54 -17.42 22.49
CA GLN B 259 -8.70 -17.35 21.02
C GLN B 259 -7.46 -17.93 20.31
N SER B 260 -7.68 -18.86 19.37
CA SER B 260 -6.66 -19.54 18.52
C SER B 260 -5.60 -20.29 19.36
N PRO B 262 -3.60 -23.33 20.98
CA PRO B 262 -3.42 -24.77 20.81
C PRO B 262 -3.95 -25.51 22.04
N VAL B 263 -4.85 -26.46 21.83
CA VAL B 263 -5.58 -27.09 22.96
C VAL B 263 -5.61 -28.61 22.75
N LYS B 264 -5.81 -29.36 23.83
CA LYS B 264 -6.01 -30.82 23.77
C LYS B 264 -7.43 -31.14 24.26
N VAL B 265 -8.24 -31.80 23.41
CA VAL B 265 -9.66 -32.12 23.71
C VAL B 265 -9.79 -33.62 24.05
N ALA B 266 -10.03 -33.97 25.31
CA ALA B 266 -10.43 -35.31 25.76
C ALA B 266 -11.96 -35.39 25.80
N ALA B 267 -12.56 -36.29 25.04
CA ALA B 267 -14.02 -36.44 24.98
C ALA B 267 -14.36 -37.91 25.14
N LYS B 268 -15.35 -38.23 25.97
CA LYS B 268 -15.99 -39.56 25.99
C LYS B 268 -17.48 -39.37 25.68
N VAL B 269 -18.04 -40.18 24.79
CA VAL B 269 -19.47 -40.11 24.39
C VAL B 269 -20.32 -41.07 25.24
N HIS B 270 -21.37 -40.53 25.87
CA HIS B 270 -22.39 -41.32 26.62
C HIS B 270 -23.50 -41.73 25.68
N GLU B 271 -24.12 -40.81 24.95
CA GLU B 271 -25.15 -41.16 23.95
C GLU B 271 -25.15 -40.16 22.79
N ILE B 272 -25.70 -40.59 21.67
CA ILE B 272 -25.81 -39.80 20.42
C ILE B 272 -27.26 -39.84 20.03
N PHE B 273 -27.84 -38.70 19.61
CA PHE B 273 -29.25 -38.61 19.16
C PHE B 273 -29.29 -38.09 17.73
N GLU B 274 -30.13 -38.67 16.88
CA GLU B 274 -30.45 -38.18 15.52
C GLU B 274 -31.89 -37.67 15.53
N TRP B 275 -32.25 -36.77 14.59
CA TRP B 275 -33.42 -35.87 14.63
C TRP B 275 -34.19 -35.92 13.32
N THR B 276 -35.52 -35.91 13.38
CA THR B 276 -36.33 -35.44 12.22
C THR B 276 -37.04 -34.16 12.67
N LEU B 277 -37.22 -33.28 11.69
CA LEU B 277 -37.62 -31.86 11.88
C LEU B 277 -39.03 -31.67 11.31
N PRO B 278 -39.91 -30.92 12.02
CA PRO B 278 -41.16 -30.49 11.42
C PRO B 278 -40.88 -29.78 10.08
N GLU B 279 -41.78 -29.96 9.09
CA GLU B 279 -41.72 -29.21 7.82
C GLU B 279 -41.80 -27.70 8.14
N PHE B 280 -41.15 -26.87 7.34
CA PHE B 280 -41.15 -25.40 7.56
C PHE B 280 -42.23 -24.73 6.70
N ASN B 281 -43.27 -24.22 7.35
CA ASN B 281 -44.45 -23.69 6.62
C ASN B 281 -45.29 -22.78 7.52
N ASP B 282 -46.29 -22.12 6.92
CA ASP B 282 -47.09 -21.08 7.61
C ASP B 282 -47.72 -21.67 8.86
N GLU B 283 -48.00 -22.98 8.83
CA GLU B 283 -48.76 -23.73 9.88
C GLU B 283 -47.80 -24.04 11.04
N TYR B 284 -46.59 -24.50 10.72
CA TYR B 284 -45.49 -24.65 11.70
C TYR B 284 -45.27 -23.28 12.36
N VAL B 285 -45.17 -22.24 11.53
CA VAL B 285 -44.83 -20.90 12.09
C VAL B 285 -45.95 -20.49 13.05
N ALA B 286 -47.22 -20.55 12.62
CA ALA B 286 -48.38 -20.11 13.41
C ALA B 286 -48.46 -20.87 14.74
N LYS B 287 -48.05 -22.13 14.75
CA LYS B 287 -48.16 -22.98 15.95
C LYS B 287 -46.97 -22.86 16.90
N GLN B 288 -45.74 -22.86 16.39
CA GLN B 288 -44.56 -22.91 17.29
C GLN B 288 -44.02 -21.52 17.63
N HIS B 289 -44.13 -20.59 16.71
CA HIS B 289 -43.63 -19.21 16.95
C HIS B 289 -44.86 -18.31 16.88
N GLU B 290 -45.75 -18.52 17.79
CA GLU B 290 -47.03 -17.79 17.76
C GLU B 290 -46.85 -16.30 18.00
N GLY B 291 -47.29 -15.46 17.06
CA GLY B 291 -47.25 -14.01 17.28
C GLY B 291 -45.97 -13.34 16.81
N LYS B 292 -44.80 -13.93 17.11
CA LYS B 292 -43.51 -13.36 16.67
C LYS B 292 -43.61 -13.07 15.17
N TRP B 293 -43.87 -14.13 14.39
CA TRP B 293 -44.12 -13.96 12.92
C TRP B 293 -45.47 -14.54 12.53
N GLY B 294 -46.00 -14.17 11.36
CA GLY B 294 -47.33 -14.67 10.90
C GLY B 294 -47.18 -15.43 9.59
N SER B 295 -45.97 -15.69 9.13
CA SER B 295 -45.72 -16.46 7.88
C SER B 295 -44.28 -16.97 7.85
N ALA B 296 -44.06 -18.10 7.18
CA ALA B 296 -42.71 -18.66 6.91
C ALA B 296 -41.83 -17.56 6.31
N LYS B 297 -42.39 -16.84 5.34
CA LYS B 297 -41.75 -15.71 4.60
C LYS B 297 -41.37 -14.61 5.58
N GLU B 298 -42.25 -14.24 6.50
CA GLU B 298 -41.94 -13.15 7.44
C GLU B 298 -40.81 -13.59 8.37
N ARG B 300 -38.52 -15.88 7.83
CA ARG B 300 -37.25 -15.92 7.06
C ARG B 300 -36.73 -14.49 6.86
N GLU B 301 -37.60 -13.58 6.38
CA GLU B 301 -37.23 -12.17 6.10
C GLU B 301 -36.68 -11.53 7.37
N ALA B 302 -37.30 -11.78 8.51
CA ALA B 302 -36.90 -11.22 9.82
C ALA B 302 -35.48 -11.68 10.22
N LEU B 303 -35.11 -12.91 9.89
CA LEU B 303 -33.82 -13.52 10.33
C LEU B 303 -32.72 -13.18 9.32
N ILE B 304 -33.02 -13.17 8.02
CA ILE B 304 -32.15 -12.52 7.00
C ILE B 304 -31.83 -11.07 7.44
N ALA B 305 -32.75 -10.35 8.06
CA ALA B 305 -32.49 -8.93 8.36
C ALA B 305 -31.57 -8.82 9.58
N SER B 306 -31.88 -9.53 10.66
CA SER B 306 -31.05 -9.52 11.90
C SER B 306 -29.65 -10.07 11.57
N THR B 307 -29.54 -10.94 10.58
CA THR B 307 -28.22 -11.47 10.15
C THR B 307 -27.45 -10.36 9.44
N ALA B 308 -28.13 -9.61 8.57
CA ALA B 308 -27.50 -8.51 7.81
C ALA B 308 -27.19 -7.37 8.79
N GLN B 310 -26.27 -7.66 11.87
CA GLN B 310 -25.09 -8.03 12.68
C GLN B 310 -23.81 -7.73 11.90
N ARG B 311 -23.78 -8.08 10.61
CA ARG B 311 -22.63 -7.79 9.72
C ARG B 311 -22.27 -6.30 9.71
N VAL B 312 -23.25 -5.39 9.82
CA VAL B 312 -22.99 -3.93 9.76
C VAL B 312 -22.49 -3.48 11.13
N THR B 313 -22.95 -4.12 12.19
CA THR B 313 -22.45 -3.92 13.59
C THR B 313 -20.99 -4.43 13.73
N GLU B 314 -20.57 -5.40 12.92
CA GLU B 314 -19.22 -6.03 13.01
C GLU B 314 -18.20 -5.17 12.25
N LEU B 315 -18.65 -4.19 11.47
CA LEU B 315 -17.80 -3.33 10.60
C LEU B 315 -17.31 -2.10 11.38
N ASP B 316 -18.04 -1.65 12.38
CA ASP B 316 -17.60 -0.58 13.33
C ASP B 316 -16.24 -0.96 13.94
N LYS B 317 -16.03 -2.26 14.18
CA LYS B 317 -14.76 -2.80 14.76
C LYS B 317 -13.79 -3.21 13.65
N ALA B 318 -14.27 -3.76 12.54
CA ALA B 318 -13.41 -4.07 11.37
C ALA B 318 -12.68 -2.80 10.93
N LEU B 319 -13.26 -1.61 11.20
CA LEU B 319 -12.68 -0.28 10.87
C LEU B 319 -11.53 0.08 11.85
N GLU B 320 -11.69 -0.10 13.17
CA GLU B 320 -10.62 0.25 14.14
C GLU B 320 -9.39 -0.58 13.77
N ASP B 321 -9.61 -1.83 13.37
CA ASP B 321 -8.54 -2.84 13.15
C ASP B 321 -7.83 -2.52 11.83
N ALA B 322 -8.58 -2.10 10.82
CA ALA B 322 -8.02 -1.72 9.49
C ALA B 322 -7.21 -0.40 9.61
N VAL B 323 -7.72 0.58 10.35
CA VAL B 323 -6.98 1.84 10.65
C VAL B 323 -5.63 1.51 11.30
N VAL B 324 -5.66 0.74 12.39
CA VAL B 324 -4.42 0.37 13.13
C VAL B 324 -3.47 -0.34 12.17
N LYS B 325 -4.01 -1.20 11.30
CA LYS B 325 -3.21 -2.00 10.35
C LYS B 325 -2.67 -1.08 9.26
N ALA B 326 -3.46 -0.09 8.85
CA ALA B 326 -3.09 0.86 7.77
C ALA B 326 -1.92 1.70 8.27
N VAL B 327 -2.05 2.25 9.48
CA VAL B 327 -0.97 3.04 10.10
C VAL B 327 0.27 2.13 10.24
N ALA B 328 0.15 0.94 10.82
CA ALA B 328 1.30 0.00 10.90
C ALA B 328 2.02 -0.05 9.55
N ASP B 329 1.32 -0.44 8.48
CA ASP B 329 1.90 -0.76 7.13
C ASP B 329 2.47 0.50 6.45
N ALA B 330 2.03 1.68 6.86
CA ALA B 330 2.52 2.99 6.38
C ALA B 330 3.93 3.31 6.92
N LEU B 331 4.42 2.68 7.99
CA LEU B 331 5.70 3.11 8.58
C LEU B 331 6.89 2.41 7.88
N ASP B 332 8.02 3.12 7.74
CA ASP B 332 9.32 2.53 7.33
C ASP B 332 10.08 2.15 8.61
N PRO B 334 11.67 -1.43 9.61
CA PRO B 334 11.87 -2.84 9.24
C PRO B 334 12.16 -3.82 10.40
N GLU B 335 12.62 -3.33 11.56
CA GLU B 335 12.76 -4.15 12.81
C GLU B 335 12.17 -3.40 14.02
N VAL B 336 10.98 -3.81 14.42
CA VAL B 336 10.34 -3.50 15.73
C VAL B 336 11.16 -4.19 16.82
N PRO B 337 11.69 -3.44 17.83
CA PRO B 337 12.61 -4.03 18.81
C PRO B 337 11.93 -5.05 19.73
N PRO B 338 12.45 -6.30 19.79
CA PRO B 338 11.77 -7.41 20.47
C PRO B 338 11.14 -7.08 21.83
N ARG B 339 11.81 -6.23 22.61
CA ARG B 339 11.43 -5.86 24.00
C ARG B 339 10.00 -5.33 24.00
N VAL B 341 7.54 -5.66 21.97
CA VAL B 341 6.59 -6.73 21.56
C VAL B 341 6.30 -7.63 22.78
N GLU B 342 7.32 -8.07 23.51
CA GLU B 342 7.16 -8.78 24.82
C GLU B 342 6.50 -7.84 25.83
N GLN B 343 6.88 -6.56 25.92
CA GLN B 343 6.24 -5.61 26.87
C GLN B 343 4.72 -5.63 26.62
N LEU B 344 4.28 -5.58 25.36
CA LEU B 344 2.85 -5.36 25.00
C LEU B 344 2.07 -6.69 25.06
N GLY B 345 2.69 -7.78 24.65
CA GLY B 345 2.22 -9.14 24.97
C GLY B 345 1.77 -9.26 26.42
N GLU B 346 2.61 -8.79 27.36
CA GLU B 346 2.37 -8.94 28.83
C GLU B 346 1.26 -8.00 29.29
N ARG B 347 1.17 -6.76 28.80
CA ARG B 347 0.04 -5.88 29.18
C ARG B 347 -1.26 -6.64 28.86
N GLN B 348 -1.30 -7.26 27.67
CA GLN B 348 -2.50 -7.94 27.10
C GLN B 348 -2.78 -9.24 27.88
N PHE B 349 -1.76 -10.05 28.12
CA PHE B 349 -1.87 -11.31 28.88
C PHE B 349 -2.48 -11.04 30.27
N GLN B 350 -1.96 -10.05 31.02
CA GLN B 350 -2.50 -9.69 32.37
C GLN B 350 -3.92 -9.13 32.25
N ALA B 351 -4.20 -8.27 31.28
CA ALA B 351 -5.52 -7.63 31.15
C ALA B 351 -6.59 -8.66 30.79
N GLN B 352 -6.19 -9.78 30.16
CA GLN B 352 -7.14 -10.83 29.70
C GLN B 352 -7.27 -11.89 30.79
N LEU B 353 -6.25 -12.13 31.61
CA LEU B 353 -6.50 -12.83 32.91
C LEU B 353 -7.59 -12.05 33.64
N LEU B 354 -7.38 -10.76 33.89
CA LEU B 354 -8.33 -9.87 34.63
C LEU B 354 -9.74 -9.98 34.07
N GLN B 355 -9.89 -9.99 32.74
CA GLN B 355 -11.23 -10.08 32.11
C GLN B 355 -11.86 -11.42 32.50
N ILE B 357 -11.30 -13.43 35.41
CA ILE B 357 -11.78 -13.38 36.83
C ILE B 357 -13.08 -12.59 36.86
N GLU B 358 -13.06 -11.40 36.27
CA GLU B 358 -14.22 -10.46 36.19
C GLU B 358 -15.47 -11.19 35.67
N ASP B 359 -15.44 -11.72 34.44
CA ASP B 359 -16.65 -12.31 33.79
C ASP B 359 -17.02 -13.62 34.51
N ARG B 360 -16.23 -14.00 35.54
CA ARG B 360 -16.48 -15.15 36.47
C ARG B 360 -16.59 -16.45 35.67
N ILE B 361 -15.98 -16.49 34.48
CA ILE B 361 -15.79 -17.75 33.69
C ILE B 361 -14.93 -18.72 34.51
N GLY B 362 -14.04 -18.19 35.37
CA GLY B 362 -13.28 -18.97 36.38
C GLY B 362 -13.01 -18.18 37.65
N SER B 363 -12.69 -18.87 38.74
CA SER B 363 -12.37 -18.26 40.07
C SER B 363 -10.97 -17.62 40.00
N ARG B 364 -10.67 -16.70 40.91
CA ARG B 364 -9.33 -16.05 41.00
C ARG B 364 -8.26 -17.12 41.33
N GLU B 365 -8.62 -18.23 41.95
CA GLU B 365 -7.64 -19.28 42.35
C GLU B 365 -7.22 -20.10 41.11
N ASP B 366 -8.18 -20.47 40.24
CA ASP B 366 -7.94 -21.17 38.95
C ASP B 366 -7.12 -20.27 38.03
N VAL B 367 -7.65 -19.08 37.75
CA VAL B 367 -7.08 -18.13 36.75
C VAL B 367 -5.64 -17.79 37.13
N GLU B 368 -5.34 -17.62 38.42
CA GLU B 368 -3.99 -17.20 38.90
C GLU B 368 -3.00 -18.36 38.73
N LYS B 369 -3.49 -19.59 38.59
CA LYS B 369 -2.59 -20.74 38.30
C LYS B 369 -2.17 -20.73 36.82
N LEU B 370 -2.86 -19.96 35.95
CA LEU B 370 -2.58 -19.87 34.49
C LEU B 370 -1.58 -18.75 34.23
N ALA B 371 -1.34 -17.88 35.22
CA ALA B 371 -0.42 -16.72 35.13
C ALA B 371 1.03 -17.20 35.21
N THR B 372 1.40 -18.23 34.45
CA THR B 372 2.76 -18.82 34.44
C THR B 372 3.57 -18.15 33.32
N GLU B 373 4.88 -18.38 33.34
CA GLU B 373 5.83 -17.92 32.28
C GLU B 373 5.56 -18.69 30.97
N GLU B 374 5.25 -19.99 31.04
CA GLU B 374 5.09 -20.89 29.87
C GLU B 374 3.79 -20.58 29.10
N ALA B 376 2.35 -17.36 29.22
CA ALA B 376 2.67 -16.06 28.59
C ALA B 376 3.27 -16.31 27.21
N ALA B 377 4.24 -17.22 27.10
CA ALA B 377 4.96 -17.59 25.85
C ALA B 377 3.96 -18.12 24.82
N GLU B 378 3.13 -19.09 25.18
CA GLU B 378 2.08 -19.63 24.27
C GLU B 378 1.17 -18.47 23.83
N PHE B 379 0.77 -17.57 24.73
CA PHE B 379 -0.18 -16.48 24.40
C PHE B 379 0.47 -15.50 23.42
N ILE B 380 1.80 -15.36 23.43
CA ILE B 380 2.52 -14.35 22.61
C ILE B 380 2.84 -14.95 21.24
N ARG B 381 3.39 -16.17 21.20
CA ARG B 381 3.58 -16.99 19.97
C ARG B 381 2.38 -16.80 19.03
N GLU B 382 1.17 -17.01 19.54
CA GLU B 382 -0.07 -16.93 18.75
C GLU B 382 -0.24 -15.54 18.16
N ARG B 383 0.06 -14.48 18.93
CA ARG B 383 -0.29 -13.07 18.60
C ARG B 383 0.91 -12.29 18.05
N LYS B 384 2.07 -12.94 17.86
CA LYS B 384 3.35 -12.27 17.48
C LYS B 384 3.09 -11.17 16.43
N LYS B 385 2.42 -11.52 15.31
CA LYS B 385 2.19 -10.62 14.15
C LYS B 385 1.31 -9.42 14.57
N ASP B 386 0.18 -9.63 15.26
CA ASP B 386 -0.72 -8.55 15.74
C ASP B 386 0.05 -7.53 16.56
N LEU B 387 0.86 -8.02 17.51
CA LEU B 387 1.62 -7.22 18.51
C LEU B 387 2.65 -6.33 17.82
N GLU B 388 3.41 -6.86 16.86
CA GLU B 388 4.32 -6.01 16.03
C GLU B 388 3.54 -4.87 15.38
N ASP B 389 2.34 -5.14 14.87
CA ASP B 389 1.52 -4.10 14.20
C ASP B 389 1.03 -3.11 15.26
N GLN B 390 0.68 -3.60 16.43
CA GLN B 390 0.17 -2.77 17.56
C GLN B 390 1.31 -1.87 18.07
N VAL B 391 2.53 -2.38 18.15
CA VAL B 391 3.70 -1.56 18.57
C VAL B 391 3.96 -0.43 17.58
N LYS B 392 3.98 -0.69 16.26
CA LYS B 392 4.17 0.35 15.23
C LYS B 392 3.08 1.40 15.42
N PHE B 393 1.84 0.99 15.62
CA PHE B 393 0.72 1.95 15.77
C PHE B 393 0.93 2.85 16.99
N ASN B 394 1.46 2.30 18.09
CA ASN B 394 1.67 3.01 19.38
C ASN B 394 2.74 4.09 19.22
N LEU B 395 3.84 3.78 18.52
CA LEU B 395 4.89 4.78 18.18
C LEU B 395 4.31 5.88 17.28
N ALA B 396 3.43 5.54 16.34
CA ALA B 396 2.82 6.49 15.39
C ALA B 396 1.87 7.42 16.13
N VAL B 397 1.18 6.89 17.14
CA VAL B 397 0.21 7.65 17.98
C VAL B 397 0.92 8.85 18.60
N ASP B 398 2.11 8.65 19.16
CA ASP B 398 2.94 9.72 19.79
C ASP B 398 3.22 10.80 18.75
N ASP B 399 3.48 10.40 17.51
CA ASP B 399 3.79 11.31 16.38
C ASP B 399 2.53 12.08 15.99
N ILE B 400 1.40 11.41 15.76
CA ILE B 400 0.14 12.08 15.30
C ILE B 400 -0.35 13.03 16.38
N TRP B 401 -0.18 12.67 17.66
CA TRP B 401 -0.61 13.50 18.82
C TRP B 401 0.05 14.88 18.75
N VAL B 402 1.36 14.93 18.54
CA VAL B 402 2.11 16.20 18.41
C VAL B 402 1.63 16.93 17.15
N ARG B 403 1.78 16.29 15.99
CA ARG B 403 1.51 16.92 14.67
C ARG B 403 0.14 17.58 14.62
N LYS B 404 -0.90 16.97 15.18
CA LYS B 404 -2.28 17.50 15.08
C LYS B 404 -2.64 18.25 16.35
N GLY B 405 -1.65 18.48 17.23
CA GLY B 405 -1.83 19.14 18.54
C GLY B 405 -3.15 18.75 19.18
N LEU B 406 -3.34 17.47 19.47
CA LEU B 406 -4.60 16.96 20.08
C LEU B 406 -4.49 17.20 21.57
N VAL B 407 -5.63 17.31 22.25
CA VAL B 407 -5.70 17.58 23.72
C VAL B 407 -6.42 16.43 24.41
N LEU B 408 -5.82 15.90 25.49
CA LEU B 408 -6.48 14.99 26.47
C LEU B 408 -7.68 15.70 27.12
N GLU B 409 -8.84 15.06 27.16
CA GLU B 409 -10.06 15.59 27.82
C GLU B 409 -10.08 14.99 29.22
N ASP B 410 -9.96 15.82 30.25
CA ASP B 410 -9.98 15.42 31.69
C ASP B 410 -11.16 14.48 31.95
N GLU B 411 -12.29 14.68 31.27
CA GLU B 411 -13.53 13.88 31.45
C GLU B 411 -13.32 12.46 30.91
N ALA B 412 -12.68 12.34 29.74
CA ALA B 412 -12.37 11.04 29.12
C ALA B 412 -11.36 10.28 29.99
N VAL B 413 -10.35 10.96 30.54
CA VAL B 413 -9.39 10.33 31.49
C VAL B 413 -10.13 9.84 32.74
N GLU B 414 -11.21 10.51 33.18
CA GLU B 414 -11.95 10.08 34.40
C GLU B 414 -12.89 8.93 34.05
N ALA B 415 -13.56 8.97 32.88
CA ALA B 415 -14.47 7.87 32.45
C ALA B 415 -13.66 6.56 32.37
N GLU B 416 -12.50 6.60 31.72
CA GLU B 416 -11.62 5.40 31.60
C GLU B 416 -11.11 4.99 32.98
N PHE B 417 -10.72 5.93 33.84
CA PHE B 417 -10.19 5.62 35.20
C PHE B 417 -11.26 4.94 36.06
N SER B 418 -12.49 5.45 36.13
CA SER B 418 -13.54 4.77 36.95
C SER B 418 -13.78 3.36 36.36
N LEU B 419 -13.78 3.23 35.04
CA LEU B 419 -14.00 1.90 34.37
C LEU B 419 -12.98 0.90 34.92
N ARG B 420 -11.69 1.24 34.90
CA ARG B 420 -10.63 0.28 35.30
C ARG B 420 -10.66 0.07 36.82
N ALA B 421 -11.14 1.05 37.59
CA ALA B 421 -11.20 1.03 39.07
C ALA B 421 -12.31 0.08 39.53
N ARG B 422 -13.50 0.17 38.95
CA ARG B 422 -14.61 -0.82 39.09
C ARG B 422 -14.10 -2.25 38.87
N GLN B 423 -13.41 -2.49 37.75
CA GLN B 423 -12.90 -3.84 37.39
C GLN B 423 -11.93 -4.32 38.48
N GLU B 425 -12.09 -3.34 41.58
CA GLU B 425 -12.99 -3.48 42.74
C GLU B 425 -13.71 -4.83 42.66
N ALA B 426 -14.11 -5.22 41.44
CA ALA B 426 -14.90 -6.46 41.21
C ALA B 426 -14.02 -7.67 41.54
N VAL B 427 -12.79 -7.69 41.07
CA VAL B 427 -11.79 -8.71 41.50
C VAL B 427 -11.27 -8.19 42.85
N GLY B 428 -10.46 -8.95 43.57
CA GLY B 428 -9.94 -8.41 44.84
C GLY B 428 -8.56 -7.85 44.68
N GLN B 429 -8.37 -6.72 43.98
CA GLN B 429 -6.99 -6.28 43.61
C GLN B 429 -6.74 -4.82 43.97
N PRO B 430 -5.73 -4.52 44.81
CA PRO B 430 -5.29 -3.14 45.00
C PRO B 430 -4.35 -2.71 43.87
N PHE B 431 -4.15 -1.41 43.71
CA PHE B 431 -3.30 -0.84 42.65
C PHE B 431 -2.75 0.51 43.11
N ASP B 432 -1.74 1.00 42.39
CA ASP B 432 -1.14 2.34 42.61
C ASP B 432 -1.90 3.35 41.73
N ARG B 433 -2.59 4.32 42.34
CA ARG B 433 -3.42 5.33 41.63
C ARG B 433 -2.55 6.05 40.57
N GLU B 434 -1.28 6.32 40.85
CA GLU B 434 -0.43 7.15 39.96
C GLU B 434 -0.01 6.28 38.76
N ASP B 435 0.32 5.00 38.99
CA ASP B 435 0.68 4.05 37.90
C ASP B 435 -0.56 3.86 37.00
N LEU B 437 -3.05 5.85 36.61
CA LEU B 437 -3.49 7.08 35.92
C LEU B 437 -2.67 7.29 34.65
N ASP B 438 -1.38 6.93 34.65
CA ASP B 438 -0.54 6.89 33.42
C ASP B 438 -1.17 5.93 32.37
N ASP B 439 -1.41 4.67 32.73
CA ASP B 439 -1.93 3.65 31.79
C ASP B 439 -3.18 4.20 31.13
N VAL B 440 -4.06 4.76 31.95
CA VAL B 440 -5.35 5.38 31.54
C VAL B 440 -5.11 6.52 30.54
N ARG B 441 -4.05 7.31 30.72
CA ARG B 441 -3.73 8.45 29.80
C ARG B 441 -3.25 7.90 28.44
N GLU B 442 -2.37 6.88 28.41
CA GLU B 442 -1.88 6.19 27.17
C GLU B 442 -3.10 5.70 26.37
N THR B 443 -4.01 4.95 26.99
CA THR B 443 -5.26 4.40 26.40
C THR B 443 -6.13 5.49 25.78
N VAL B 444 -6.26 6.64 26.43
CA VAL B 444 -7.18 7.73 25.97
C VAL B 444 -6.51 8.46 24.81
N LYS B 445 -5.18 8.64 24.84
CA LYS B 445 -4.38 9.13 23.68
C LYS B 445 -4.67 8.26 22.45
N SER B 446 -4.37 6.96 22.48
CA SER B 446 -4.69 5.97 21.40
C SER B 446 -6.11 6.19 20.89
N VAL B 447 -7.08 6.22 21.80
CA VAL B 447 -8.52 6.26 21.44
C VAL B 447 -8.82 7.61 20.77
N THR B 448 -8.14 8.68 21.17
CA THR B 448 -8.32 10.02 20.54
C THR B 448 -7.66 10.05 19.16
N VAL B 449 -6.48 9.43 19.03
CA VAL B 449 -5.78 9.27 17.71
C VAL B 449 -6.60 8.36 16.79
N ILE B 450 -7.26 7.32 17.29
CA ILE B 450 -8.09 6.41 16.45
C ILE B 450 -9.32 7.17 15.98
N GLU B 451 -9.91 8.03 16.81
CA GLU B 451 -11.11 8.81 16.42
C GLU B 451 -10.67 9.80 15.34
N TRP B 452 -9.55 10.48 15.55
CA TRP B 452 -8.98 11.42 14.55
C TRP B 452 -8.83 10.68 13.21
N LEU B 453 -8.21 9.49 13.20
CA LEU B 453 -7.96 8.74 11.94
C LEU B 453 -9.29 8.40 11.27
N LYS B 454 -10.27 7.86 11.99
CA LYS B 454 -11.57 7.44 11.39
C LYS B 454 -12.24 8.64 10.71
N ASP B 455 -12.12 9.80 11.34
CA ASP B 455 -12.74 11.08 10.87
C ASP B 455 -11.99 11.57 9.61
N ASN B 456 -10.66 11.39 9.51
CA ASN B 456 -9.77 12.09 8.54
C ASN B 456 -9.12 11.16 7.49
N VAL B 457 -9.04 9.85 7.72
CA VAL B 457 -8.53 8.88 6.72
C VAL B 457 -9.56 8.75 5.58
N LYS B 458 -9.12 8.37 4.39
CA LYS B 458 -10.05 8.07 3.27
C LYS B 458 -10.38 6.58 3.29
N ARG B 459 -11.66 6.24 3.21
CA ARG B 459 -12.18 4.85 3.27
C ARG B 459 -12.63 4.40 1.88
N HIS B 460 -12.30 3.16 1.52
CA HIS B 460 -12.83 2.44 0.34
C HIS B 460 -13.53 1.18 0.85
N VAL B 461 -14.40 0.58 0.04
CA VAL B 461 -15.36 -0.48 0.46
C VAL B 461 -15.39 -1.54 -0.64
N LEU B 462 -14.49 -2.50 -0.60
CA LEU B 462 -14.55 -3.68 -1.51
C LEU B 462 -15.87 -4.41 -1.25
N PRO B 463 -16.43 -5.10 -2.26
CA PRO B 463 -17.57 -5.98 -2.05
C PRO B 463 -17.13 -7.40 -1.69
N TYR B 464 -18.07 -8.24 -1.23
CA TYR B 464 -17.88 -9.69 -0.95
C TYR B 464 -17.77 -10.43 -2.29
N THR B 465 -17.03 -11.54 -2.33
CA THR B 465 -16.86 -12.41 -3.52
C THR B 465 -17.17 -13.87 -3.15
N ALA B 466 -16.48 -14.39 -2.13
CA ALA B 466 -16.67 -15.75 -1.56
C ALA B 466 -15.78 -15.92 -0.33
#